data_9LRG
#
_entry.id   9LRG
#
_cell.length_a   47.011
_cell.length_b   47.011
_cell.length_c   265.782
_cell.angle_alpha   90.000
_cell.angle_beta   90.000
_cell.angle_gamma   120.000
#
_symmetry.space_group_name_H-M   'P 61 2 2'
#
_entity_poly.entity_id   1
_entity_poly.type   'polypeptide(L)'
_entity_poly.pdbx_seq_one_letter_code
;MNERKKSIDELLSDLGVLEEAPVEVELKESGTPEAQGDPRAFLEEFLGGLLLLLDPGHRLEVRVEGETLKAEVKGGDLGR
FIGKEGRTLRAVEHLARVVLARRFGTGYRLVLDAAGYRSRAEARIRRLAEEAALTVAMTGEPLHLPPMPPGERRIVHMLL
KNHPRVTTESQGEGEERHVVVYPRREAQG
;
_entity_poly.pdbx_strand_id   AA
#
# COMPACT_ATOMS: atom_id res chain seq x y z
N ASP A 38 7.25 9.69 -23.75
CA ASP A 38 7.85 10.01 -22.45
C ASP A 38 7.04 9.41 -21.31
N PRO A 39 7.70 8.61 -20.46
CA PRO A 39 6.98 7.98 -19.35
C PRO A 39 6.37 8.98 -18.37
N ARG A 40 6.94 10.18 -18.27
CA ARG A 40 6.39 11.17 -17.35
C ARG A 40 5.14 11.82 -17.90
N ALA A 41 5.18 12.28 -19.16
CA ALA A 41 4.01 12.86 -19.82
C ALA A 41 2.88 11.87 -20.01
N PHE A 42 3.19 10.56 -20.07
CA PHE A 42 2.14 9.55 -20.19
C PHE A 42 1.30 9.49 -18.92
N LEU A 43 1.97 9.45 -17.76
CA LEU A 43 1.24 9.41 -16.50
C LEU A 43 0.42 10.68 -16.30
N GLU A 44 0.98 11.84 -16.65
CA GLU A 44 0.24 13.09 -16.52
C GLU A 44 -1.02 13.11 -17.36
N GLU A 45 -1.07 12.31 -18.43
CA GLU A 45 -2.24 12.24 -19.29
C GLU A 45 -3.23 11.17 -18.84
N PHE A 46 -2.73 9.95 -18.60
CA PHE A 46 -3.61 8.86 -18.20
C PHE A 46 -4.09 9.04 -16.76
N LEU A 47 -3.17 9.14 -15.81
CA LEU A 47 -3.55 9.32 -14.42
C LEU A 47 -4.30 10.64 -14.23
N GLY A 48 -3.88 11.69 -14.93
CA GLY A 48 -4.58 12.96 -14.82
C GLY A 48 -6.04 12.86 -15.22
N GLY A 49 -6.31 12.23 -16.36
CA GLY A 49 -7.68 12.02 -16.78
C GLY A 49 -8.43 11.03 -15.91
N LEU A 50 -7.71 10.08 -15.31
CA LEU A 50 -8.35 9.12 -14.43
C LEU A 50 -8.72 9.76 -13.09
N LEU A 51 -7.90 10.68 -12.60
CA LEU A 51 -8.22 11.40 -11.38
C LEU A 51 -9.42 12.32 -11.58
N LEU A 52 -9.57 12.89 -12.79
CA LEU A 52 -10.72 13.74 -13.06
C LEU A 52 -12.02 12.94 -13.01
N LEU A 53 -12.00 11.67 -13.40
CA LEU A 53 -13.18 10.83 -13.31
C LEU A 53 -13.58 10.58 -11.85
N LEU A 54 -12.60 10.55 -10.95
CA LEU A 54 -12.86 10.34 -9.53
C LEU A 54 -13.22 11.64 -8.81
N ASP A 55 -12.58 12.75 -9.18
CA ASP A 55 -12.79 14.02 -8.52
C ASP A 55 -12.24 15.16 -9.39
N PRO A 56 -13.08 16.11 -9.81
CA PRO A 56 -12.57 17.22 -10.62
C PRO A 56 -11.56 18.09 -9.88
N GLY A 57 -11.56 18.08 -8.55
CA GLY A 57 -10.60 18.81 -7.76
C GLY A 57 -9.24 18.15 -7.61
N HIS A 58 -9.10 16.92 -8.08
CA HIS A 58 -7.84 16.18 -7.87
C HIS A 58 -6.76 16.73 -8.79
N ARG A 59 -5.55 16.95 -8.24
CA ARG A 59 -4.41 17.41 -9.06
C ARG A 59 -3.29 16.38 -8.99
N LEU A 60 -2.50 16.24 -10.06
CA LEU A 60 -1.42 15.22 -10.09
C LEU A 60 -0.06 15.90 -10.26
N GLU A 61 0.92 15.50 -9.46
CA GLU A 61 2.30 16.02 -9.63
C GLU A 61 3.22 14.81 -9.70
N VAL A 62 3.98 14.68 -10.79
CA VAL A 62 4.82 13.51 -11.00
C VAL A 62 6.28 13.93 -10.96
N ARG A 63 7.08 13.22 -10.18
CA ARG A 63 8.51 13.46 -10.07
C ARG A 63 9.27 12.21 -10.49
N VAL A 64 10.35 12.41 -11.22
CA VAL A 64 11.14 11.30 -11.77
C VAL A 64 12.42 11.16 -10.94
N GLU A 65 12.55 10.04 -10.24
CA GLU A 65 13.77 9.73 -9.51
C GLU A 65 14.48 8.55 -10.17
N GLY A 66 14.81 8.69 -11.46
CA GLY A 66 15.43 7.62 -12.20
C GLY A 66 14.46 6.50 -12.52
N GLU A 67 14.54 5.41 -11.76
CA GLU A 67 13.63 4.29 -11.96
C GLU A 67 12.26 4.54 -11.32
N THR A 68 12.22 5.22 -10.18
CA THR A 68 10.99 5.44 -9.45
C THR A 68 10.28 6.69 -9.97
N LEU A 69 8.97 6.58 -10.16
CA LEU A 69 8.12 7.70 -10.55
C LEU A 69 7.19 8.03 -9.38
N LYS A 70 7.44 9.16 -8.72
CA LYS A 70 6.64 9.58 -7.58
C LYS A 70 5.45 10.39 -8.05
N ALA A 71 4.24 9.87 -7.83
CA ALA A 71 3.01 10.55 -8.23
C ALA A 71 2.28 11.03 -6.99
N GLU A 72 2.01 12.33 -6.93
CA GLU A 72 1.35 12.96 -5.79
C GLU A 72 -0.01 13.48 -6.22
N VAL A 73 -1.03 13.21 -5.40
CA VAL A 73 -2.40 13.63 -5.66
C VAL A 73 -2.79 14.67 -4.62
N LYS A 74 -3.25 15.83 -5.09
CA LYS A 74 -3.67 16.93 -4.23
C LYS A 74 -5.07 17.37 -4.64
N GLY A 75 -5.71 18.10 -3.73
CA GLY A 75 -7.02 18.68 -4.00
C GLY A 75 -8.14 17.65 -3.92
N GLY A 76 -9.36 18.18 -3.83
CA GLY A 76 -10.53 17.33 -3.73
C GLY A 76 -10.61 16.61 -2.39
N ASP A 77 -11.39 15.53 -2.38
CA ASP A 77 -11.55 14.69 -1.19
C ASP A 77 -10.49 13.60 -1.24
N LEU A 78 -9.34 13.87 -0.62
CA LEU A 78 -8.26 12.88 -0.60
C LEU A 78 -8.63 11.66 0.24
N GLY A 79 -9.50 11.84 1.24
CA GLY A 79 -9.95 10.70 2.02
C GLY A 79 -10.73 9.70 1.19
N ARG A 80 -11.52 10.19 0.23
CA ARG A 80 -12.24 9.30 -0.67
C ARG A 80 -11.34 8.70 -1.74
N PHE A 81 -10.30 9.44 -2.16
CA PHE A 81 -9.36 8.90 -3.13
C PHE A 81 -8.51 7.80 -2.51
N ILE A 82 -8.12 7.96 -1.24
CA ILE A 82 -7.40 6.89 -0.56
C ILE A 82 -8.28 5.67 -0.40
N GLY A 83 -9.53 5.86 0.03
CA GLY A 83 -10.45 4.76 0.20
C GLY A 83 -10.22 4.01 1.49
N LYS A 84 -11.02 2.95 1.66
CA LYS A 84 -10.93 2.14 2.86
C LYS A 84 -9.63 1.35 2.87
N GLU A 85 -8.77 1.63 3.85
CA GLU A 85 -7.48 0.97 4.01
C GLU A 85 -6.56 1.14 2.80
N GLY A 86 -6.79 2.19 2.01
CA GLY A 86 -5.98 2.42 0.83
C GLY A 86 -6.31 1.55 -0.36
N ARG A 87 -7.48 0.92 -0.37
CA ARG A 87 -7.85 0.07 -1.50
C ARG A 87 -8.07 0.88 -2.76
N THR A 88 -8.71 2.05 -2.64
CA THR A 88 -8.94 2.89 -3.81
C THR A 88 -7.62 3.44 -4.35
N LEU A 89 -6.73 3.87 -3.46
CA LEU A 89 -5.43 4.37 -3.90
C LEU A 89 -4.61 3.28 -4.57
N ARG A 90 -4.63 2.06 -4.01
CA ARG A 90 -3.86 0.98 -4.60
C ARG A 90 -4.49 0.48 -5.90
N ALA A 91 -5.82 0.53 -6.00
CA ALA A 91 -6.47 0.13 -7.25
C ALA A 91 -6.13 1.11 -8.37
N VAL A 92 -6.12 2.41 -8.07
CA VAL A 92 -5.69 3.40 -9.06
C VAL A 92 -4.21 3.20 -9.38
N GLU A 93 -3.39 2.98 -8.35
CA GLU A 93 -1.96 2.79 -8.56
C GLU A 93 -1.68 1.54 -9.39
N HIS A 94 -2.40 0.45 -9.12
CA HIS A 94 -2.15 -0.80 -9.83
C HIS A 94 -2.50 -0.68 -11.30
N LEU A 95 -3.66 -0.08 -11.61
CA LEU A 95 -4.05 0.07 -13.01
C LEU A 95 -3.07 0.97 -13.76
N ALA A 96 -2.61 2.05 -13.12
CA ALA A 96 -1.62 2.91 -13.76
C ALA A 96 -0.29 2.19 -13.96
N ARG A 97 0.07 1.28 -13.06
CA ARG A 97 1.30 0.52 -13.23
C ARG A 97 1.19 -0.45 -14.40
N VAL A 98 0.03 -1.08 -14.56
CA VAL A 98 -0.15 -2.07 -15.63
C VAL A 98 -0.10 -1.39 -16.99
N VAL A 99 -0.78 -0.25 -17.15
CA VAL A 99 -0.78 0.43 -18.43
C VAL A 99 0.58 1.05 -18.72
N LEU A 100 1.27 1.53 -17.68
CA LEU A 100 2.61 2.07 -17.87
C LEU A 100 3.59 0.98 -18.29
N ALA A 101 3.48 -0.20 -17.68
CA ALA A 101 4.40 -1.29 -18.01
C ALA A 101 4.17 -1.80 -19.43
N ARG A 102 2.95 -1.71 -19.94
CA ARG A 102 2.68 -2.18 -21.29
C ARG A 102 3.32 -1.29 -22.35
N ARG A 103 3.47 0.00 -22.07
CA ARG A 103 3.99 0.93 -23.05
C ARG A 103 5.43 1.36 -22.79
N PHE A 104 5.99 1.01 -21.63
CA PHE A 104 7.34 1.44 -21.28
C PHE A 104 8.12 0.33 -20.58
N GLY A 105 7.86 -0.92 -20.92
CA GLY A 105 8.70 -1.98 -20.39
C GLY A 105 8.49 -2.22 -18.90
N THR A 106 9.45 -2.95 -18.32
CA THR A 106 9.39 -3.31 -16.91
C THR A 106 10.22 -2.39 -16.01
N GLY A 107 11.15 -1.62 -16.59
CA GLY A 107 12.08 -0.81 -15.82
C GLY A 107 11.49 0.11 -14.78
N TYR A 108 10.60 1.01 -15.21
CA TYR A 108 10.07 2.03 -14.31
C TYR A 108 9.22 1.42 -13.21
N ARG A 109 9.13 2.15 -12.10
CA ARG A 109 8.31 1.76 -10.95
C ARG A 109 7.53 2.98 -10.48
N LEU A 110 6.19 2.85 -10.47
CA LEU A 110 5.31 3.95 -10.11
C LEU A 110 4.90 3.84 -8.65
N VAL A 111 5.03 4.95 -7.92
CA VAL A 111 4.64 5.04 -6.52
C VAL A 111 3.60 6.15 -6.38
N LEU A 112 2.39 5.78 -6.02
CA LEU A 112 1.29 6.72 -5.86
C LEU A 112 1.07 7.03 -4.38
N ASP A 113 0.90 8.32 -4.07
CA ASP A 113 0.73 8.75 -2.69
C ASP A 113 -0.17 9.98 -2.65
N ALA A 114 -0.79 10.21 -1.50
CA ALA A 114 -1.66 11.35 -1.31
C ALA A 114 -1.75 11.65 0.18
N ALA A 115 -1.51 12.92 0.54
CA ALA A 115 -1.63 13.40 1.92
C ALA A 115 -0.71 12.63 2.87
N GLY A 116 0.45 12.20 2.37
CA GLY A 116 1.38 11.45 3.19
C GLY A 116 0.81 10.15 3.72
N TYR A 117 0.03 9.44 2.90
CA TYR A 117 -0.60 8.21 3.37
C TYR A 117 0.40 7.08 3.52
N ARG A 118 1.41 7.02 2.65
CA ARG A 118 2.36 5.92 2.70
C ARG A 118 3.15 5.94 4.00
N SER A 119 3.55 7.12 4.46
CA SER A 119 4.30 7.21 5.71
C SER A 119 3.44 6.78 6.90
N ARG A 120 2.18 7.18 6.92
CA ARG A 120 1.30 6.81 8.04
C ARG A 120 0.95 5.33 7.98
N ALA A 121 0.64 4.80 6.79
CA ALA A 121 0.28 3.40 6.66
C ALA A 121 1.43 2.50 7.11
N GLU A 122 2.66 2.86 6.74
CA GLU A 122 3.80 2.03 7.13
C GLU A 122 4.04 2.09 8.64
N ALA A 123 3.90 3.28 9.24
CA ALA A 123 4.02 3.39 10.68
C ALA A 123 2.89 2.65 11.39
N ARG A 124 1.68 2.70 10.82
CA ARG A 124 0.56 1.97 11.41
C ARG A 124 0.79 0.47 11.33
N ILE A 125 1.41 -0.01 10.24
CA ILE A 125 1.68 -1.44 10.11
C ILE A 125 2.65 -1.90 11.18
N ARG A 126 3.70 -1.11 11.44
CA ARG A 126 4.67 -1.48 12.47
C ARG A 126 4.05 -1.41 13.86
N ARG A 127 3.08 -0.52 14.08
CA ARG A 127 2.39 -0.47 15.35
C ARG A 127 1.47 -1.66 15.53
N LEU A 128 0.83 -2.10 14.46
CA LEU A 128 -0.04 -3.28 14.54
C LEU A 128 0.75 -4.55 14.81
N ALA A 129 1.95 -4.65 14.23
CA ALA A 129 2.74 -5.86 14.41
C ALA A 129 3.26 -6.00 15.83
N GLU A 130 3.66 -4.88 16.44
CA GLU A 130 4.18 -4.93 17.81
C GLU A 130 3.06 -5.08 18.84
N GLU A 131 1.87 -4.54 18.56
CA GLU A 131 0.76 -4.71 19.49
C GLU A 131 0.13 -6.09 19.37
N ALA A 132 0.09 -6.64 18.16
CA ALA A 132 -0.38 -8.02 18.00
C ALA A 132 0.58 -9.00 18.65
N ALA A 133 1.88 -8.73 18.59
CA ALA A 133 2.85 -9.58 19.26
C ALA A 133 2.67 -9.56 20.76
N LEU A 134 2.31 -8.40 21.32
CA LEU A 134 2.05 -8.32 22.75
C LEU A 134 0.72 -9.01 23.10
N THR A 135 -0.31 -8.79 22.28
CA THR A 135 -1.61 -9.41 22.57
C THR A 135 -1.53 -10.92 22.52
N VAL A 136 -0.86 -11.48 21.50
CA VAL A 136 -0.78 -12.93 21.36
C VAL A 136 0.08 -13.54 22.46
N ALA A 137 1.18 -12.88 22.82
CA ALA A 137 2.07 -13.41 23.85
C ALA A 137 1.43 -13.47 25.22
N MET A 138 0.30 -12.78 25.44
CA MET A 138 -0.39 -12.79 26.72
C MET A 138 -1.65 -13.65 26.71
N THR A 139 -2.45 -13.57 25.65
CA THR A 139 -3.67 -14.35 25.57
C THR A 139 -3.42 -15.79 25.14
N GLY A 140 -2.28 -16.07 24.51
CA GLY A 140 -2.01 -17.41 24.03
C GLY A 140 -2.84 -17.84 22.85
N GLU A 141 -3.58 -16.93 22.23
CA GLU A 141 -4.45 -17.25 21.11
C GLU A 141 -3.97 -16.55 19.84
N PRO A 142 -4.17 -17.17 18.68
CA PRO A 142 -3.79 -16.51 17.42
C PRO A 142 -4.65 -15.29 17.15
N LEU A 143 -4.05 -14.28 16.54
CA LEU A 143 -4.72 -13.05 16.17
C LEU A 143 -4.58 -12.83 14.68
N HIS A 144 -5.70 -12.73 13.98
CA HIS A 144 -5.71 -12.52 12.54
C HIS A 144 -5.68 -11.02 12.26
N LEU A 145 -4.55 -10.54 11.74
CA LEU A 145 -4.43 -9.14 11.38
C LEU A 145 -5.38 -8.80 10.23
N PRO A 146 -5.71 -7.51 10.07
CA PRO A 146 -6.59 -7.13 8.97
C PRO A 146 -5.92 -7.43 7.64
N PRO A 147 -6.70 -7.62 6.58
CA PRO A 147 -6.11 -7.84 5.26
C PRO A 147 -5.30 -6.64 4.80
N MET A 148 -4.13 -6.92 4.25
CA MET A 148 -3.22 -5.90 3.78
C MET A 148 -2.50 -6.41 2.55
N PRO A 149 -2.02 -5.52 1.69
CA PRO A 149 -1.34 -5.93 0.46
C PRO A 149 -0.07 -6.70 0.75
N PRO A 150 0.49 -7.40 -0.25
CA PRO A 150 1.71 -8.19 0.01
C PRO A 150 2.88 -7.37 0.52
N GLY A 151 3.02 -6.12 0.09
CA GLY A 151 4.13 -5.31 0.56
C GLY A 151 4.07 -5.07 2.06
N GLU A 152 2.88 -4.83 2.59
CA GLU A 152 2.75 -4.60 4.03
C GLU A 152 2.82 -5.91 4.82
N ARG A 153 2.44 -7.02 4.22
CA ARG A 153 2.52 -8.30 4.91
C ARG A 153 3.97 -8.71 5.15
N ARG A 154 4.85 -8.49 4.16
CA ARG A 154 6.25 -8.84 4.33
C ARG A 154 6.90 -7.99 5.42
N ILE A 155 6.44 -6.76 5.61
CA ILE A 155 6.97 -5.93 6.68
C ILE A 155 6.59 -6.50 8.04
N VAL A 156 5.36 -7.00 8.18
CA VAL A 156 4.95 -7.64 9.42
C VAL A 156 5.78 -8.89 9.67
N HIS A 157 6.02 -9.69 8.61
CA HIS A 157 6.87 -10.86 8.75
C HIS A 157 8.31 -10.47 9.09
N MET A 158 8.82 -9.41 8.47
CA MET A 158 10.19 -8.98 8.73
C MET A 158 10.33 -8.41 10.14
N LEU A 159 9.30 -7.72 10.63
CA LEU A 159 9.38 -7.10 11.95
C LEU A 159 9.33 -8.16 13.05
N LEU A 160 8.42 -9.13 12.93
CA LEU A 160 8.30 -10.21 13.88
C LEU A 160 9.08 -11.45 13.45
N LYS A 161 10.16 -11.27 12.68
CA LYS A 161 10.88 -12.41 12.13
C LYS A 161 11.53 -13.24 13.23
N ASN A 162 12.31 -12.61 14.10
CA ASN A 162 13.01 -13.30 15.18
C ASN A 162 12.43 -12.95 16.55
N HIS A 163 11.16 -12.56 16.60
CA HIS A 163 10.51 -12.31 17.88
C HIS A 163 10.44 -13.62 18.68
N PRO A 164 10.94 -13.66 19.91
CA PRO A 164 11.05 -14.94 20.62
C PRO A 164 9.72 -15.53 21.06
N ARG A 165 8.63 -14.76 21.05
CA ARG A 165 7.36 -15.25 21.59
C ARG A 165 6.30 -15.52 20.54
N VAL A 166 6.43 -14.97 19.33
CA VAL A 166 5.40 -15.11 18.31
C VAL A 166 6.01 -15.55 16.99
N THR A 167 5.20 -16.27 16.21
CA THR A 167 5.52 -16.61 14.83
C THR A 167 4.39 -16.08 13.94
N THR A 168 4.72 -15.83 12.67
CA THR A 168 3.76 -15.27 11.73
C THR A 168 3.55 -16.23 10.57
N GLU A 169 2.42 -16.06 9.89
CA GLU A 169 2.05 -16.91 8.77
C GLU A 169 0.95 -16.23 7.98
N SER A 170 1.09 -16.22 6.66
CA SER A 170 0.09 -15.62 5.77
C SER A 170 -1.01 -16.63 5.48
N GLN A 171 -2.26 -16.20 5.67
CA GLN A 171 -3.42 -17.03 5.40
C GLN A 171 -4.45 -16.22 4.63
N GLY A 172 -5.31 -16.92 3.91
CA GLY A 172 -6.30 -16.29 3.07
C GLY A 172 -5.83 -16.16 1.62
N GLU A 173 -6.76 -15.73 0.77
CA GLU A 173 -6.49 -15.59 -0.66
C GLU A 173 -7.05 -14.28 -1.16
N GLY A 174 -6.32 -13.65 -2.08
CA GLY A 174 -6.80 -12.43 -2.70
C GLY A 174 -6.90 -11.29 -1.69
N GLU A 175 -8.04 -10.59 -1.71
CA GLU A 175 -8.26 -9.48 -0.79
C GLU A 175 -8.45 -9.94 0.65
N GLU A 176 -8.57 -11.24 0.90
CA GLU A 176 -8.67 -11.75 2.25
C GLU A 176 -7.35 -12.23 2.82
N ARG A 177 -6.27 -12.21 2.02
CA ARG A 177 -4.98 -12.69 2.50
C ARG A 177 -4.43 -11.73 3.55
N HIS A 178 -4.00 -12.28 4.68
CA HIS A 178 -3.56 -11.48 5.81
C HIS A 178 -2.52 -12.25 6.61
N VAL A 179 -1.94 -11.58 7.59
CA VAL A 179 -0.93 -12.16 8.47
C VAL A 179 -1.61 -12.62 9.75
N VAL A 180 -1.24 -13.82 10.23
CA VAL A 180 -1.75 -14.37 11.46
C VAL A 180 -0.59 -14.52 12.44
N VAL A 181 -0.75 -13.97 13.63
CA VAL A 181 0.29 -14.00 14.66
C VAL A 181 0.01 -15.17 15.59
N TYR A 182 0.89 -16.16 15.60
CA TYR A 182 0.80 -17.40 16.37
C TYR A 182 1.72 -17.35 17.58
N PRO A 183 1.27 -17.91 18.71
CA PRO A 183 2.16 -18.04 19.87
C PRO A 183 3.11 -19.22 19.71
N ARG A 184 4.38 -18.97 20.00
CA ARG A 184 5.41 -20.00 19.87
C ARG A 184 5.23 -21.10 20.91
#